data_2KET
#
_entry.id   2KET
#
_entity_poly.entity_id   1
_entity_poly.type   'polypeptide(L)'
_entity_poly.pdbx_seq_one_letter_code
;GRFKRFRKKFKKLFKKLSPVIPLLHL(NH2)
;
_entity_poly.pdbx_strand_id   A
#
loop_
_chem_comp.id
_chem_comp.type
_chem_comp.name
_chem_comp.formula
NH2 non-polymer 'AMINO GROUP' 'H2 N'
#
# COMPACT_ATOMS: atom_id res chain seq x y z
N GLY A 1 7.92 -12.60 -10.60
CA GLY A 1 6.67 -12.31 -11.36
C GLY A 1 6.81 -10.98 -12.09
N ARG A 2 5.71 -10.39 -12.48
CA ARG A 2 5.79 -9.08 -13.19
C ARG A 2 4.67 -8.15 -12.71
N PHE A 3 3.63 -7.95 -13.48
CA PHE A 3 2.54 -7.05 -13.04
C PHE A 3 1.96 -7.51 -11.71
N LYS A 4 2.04 -8.78 -11.43
CA LYS A 4 1.51 -9.30 -10.15
C LYS A 4 2.37 -8.78 -8.99
N ARG A 5 3.66 -9.00 -9.06
CA ARG A 5 4.55 -8.52 -7.97
C ARG A 5 4.45 -7.00 -7.88
N PHE A 6 4.34 -6.34 -9.00
CA PHE A 6 4.23 -4.86 -9.00
C PHE A 6 2.99 -4.42 -8.21
N ARG A 7 1.93 -5.17 -8.30
CA ARG A 7 0.70 -4.80 -7.56
C ARG A 7 0.99 -4.81 -6.05
N LYS A 8 1.67 -5.81 -5.59
CA LYS A 8 2.00 -5.89 -4.15
C LYS A 8 2.81 -4.67 -3.74
N LYS A 9 3.69 -4.22 -4.58
CA LYS A 9 4.52 -3.05 -4.24
C LYS A 9 3.64 -1.81 -4.13
N PHE A 10 2.78 -1.59 -5.08
CA PHE A 10 1.89 -0.40 -5.02
C PHE A 10 0.99 -0.49 -3.78
N LYS A 11 0.56 -1.68 -3.45
CA LYS A 11 -0.32 -1.86 -2.27
C LYS A 11 0.39 -1.37 -1.01
N LYS A 12 1.68 -1.56 -0.94
CA LYS A 12 2.43 -1.09 0.26
C LYS A 12 2.24 0.41 0.44
N LEU A 13 2.18 1.14 -0.64
CA LEU A 13 2.00 2.61 -0.55
C LEU A 13 0.57 2.89 -0.06
N PHE A 14 -0.38 2.18 -0.61
CA PHE A 14 -1.79 2.39 -0.19
C PHE A 14 -1.94 2.16 1.30
N LYS A 15 -1.25 1.17 1.82
CA LYS A 15 -1.36 0.89 3.27
C LYS A 15 -0.92 2.10 4.07
N LYS A 16 0.15 2.72 3.66
CA LYS A 16 0.65 3.92 4.39
C LYS A 16 -0.45 4.99 4.45
N LEU A 17 -1.30 5.02 3.47
CA LEU A 17 -2.39 6.04 3.46
C LEU A 17 -3.34 5.84 4.65
N SER A 18 -3.67 4.61 4.96
CA SER A 18 -4.60 4.36 6.10
C SER A 18 -3.87 4.53 7.43
N PRO A 19 -4.58 5.07 8.39
CA PRO A 19 -3.99 5.30 9.73
C PRO A 19 -3.88 3.97 10.49
N VAL A 20 -3.18 3.02 9.93
CA VAL A 20 -3.05 1.70 10.63
C VAL A 20 -4.40 1.27 11.20
N ILE A 21 -5.44 1.40 10.43
CA ILE A 21 -6.78 0.99 10.93
C ILE A 21 -7.36 -0.10 10.02
N PRO A 22 -7.33 -1.31 10.51
CA PRO A 22 -7.85 -2.46 9.74
C PRO A 22 -9.37 -2.37 9.63
N LEU A 23 -9.97 -1.44 10.33
CA LEU A 23 -11.46 -1.29 10.27
C LEU A 23 -11.85 -0.61 8.96
N LEU A 24 -11.25 0.51 8.67
CA LEU A 24 -11.58 1.22 7.41
C LEU A 24 -11.28 0.34 6.20
N HIS A 25 -10.35 -0.56 6.32
CA HIS A 25 -10.01 -1.44 5.17
C HIS A 25 -10.97 -2.64 5.13
N LEU A 26 -11.40 -3.11 6.27
CA LEU A 26 -12.34 -4.27 6.29
C LEU A 26 -13.79 -3.78 6.22
N NH2 A 27 -14.16 -2.79 6.99
HN1 NH2 A 27 -13.51 -2.38 7.60
HN2 NH2 A 27 -15.09 -2.46 6.96
N GLY A 1 5.79 -13.65 -15.99
CA GLY A 1 5.13 -12.31 -15.92
C GLY A 1 5.79 -11.47 -14.83
N ARG A 2 5.67 -11.88 -13.60
CA ARG A 2 6.28 -11.10 -12.48
C ARG A 2 5.57 -9.76 -12.28
N PHE A 3 4.54 -9.49 -13.06
CA PHE A 3 3.82 -8.20 -12.91
C PHE A 3 2.99 -8.20 -11.63
N LYS A 4 2.57 -9.36 -11.18
CA LYS A 4 1.75 -9.42 -9.95
C LYS A 4 2.49 -8.73 -8.81
N ARG A 5 3.78 -8.92 -8.75
CA ARG A 5 4.58 -8.28 -7.66
C ARG A 5 4.43 -6.75 -7.73
N PHE A 6 4.24 -6.22 -8.91
CA PHE A 6 4.08 -4.75 -9.05
C PHE A 6 2.87 -4.29 -8.24
N ARG A 7 1.78 -5.00 -8.36
CA ARG A 7 0.56 -4.62 -7.61
C ARG A 7 0.86 -4.66 -6.11
N LYS A 8 1.62 -5.63 -5.68
CA LYS A 8 1.95 -5.73 -4.24
C LYS A 8 2.67 -4.46 -3.78
N LYS A 9 3.54 -3.93 -4.60
CA LYS A 9 4.27 -2.70 -4.22
C LYS A 9 3.28 -1.55 -4.06
N PHE A 10 2.42 -1.35 -5.02
CA PHE A 10 1.43 -0.27 -4.91
C PHE A 10 0.60 -0.46 -3.65
N LYS A 11 0.29 -1.69 -3.34
CA LYS A 11 -0.50 -1.97 -2.11
C LYS A 11 0.28 -1.52 -0.88
N LYS A 12 1.54 -1.82 -0.83
CA LYS A 12 2.35 -1.40 0.34
C LYS A 12 2.30 0.11 0.49
N LEU A 13 2.48 0.80 -0.59
CA LEU A 13 2.43 2.29 -0.54
C LEU A 13 1.02 2.72 -0.14
N PHE A 14 0.04 2.19 -0.81
CA PHE A 14 -1.37 2.55 -0.47
C PHE A 14 -1.65 2.14 0.97
N LYS A 15 -1.08 1.06 1.42
CA LYS A 15 -1.32 0.62 2.80
C LYS A 15 -0.74 1.64 3.79
N LYS A 16 0.49 2.03 3.56
CA LYS A 16 1.12 3.03 4.48
C LYS A 16 0.35 4.34 4.42
N LEU A 17 -0.15 4.68 3.27
CA LEU A 17 -0.91 5.95 3.13
C LEU A 17 -2.38 5.76 3.49
N SER A 18 -2.94 4.62 3.19
CA SER A 18 -4.39 4.37 3.52
C SER A 18 -4.54 3.71 4.89
N PRO A 19 -4.80 4.53 5.89
CA PRO A 19 -4.98 4.00 7.27
C PRO A 19 -6.25 3.15 7.39
N VAL A 20 -6.15 1.90 7.08
CA VAL A 20 -7.34 0.98 7.20
C VAL A 20 -8.64 1.70 6.88
N ILE A 21 -8.87 2.00 5.62
CA ILE A 21 -10.14 2.67 5.18
C ILE A 21 -10.14 4.17 5.54
N PRO A 22 -9.45 4.92 4.74
CA PRO A 22 -9.38 6.38 4.94
C PRO A 22 -10.57 7.05 4.27
N LEU A 23 -11.25 6.34 3.40
CA LEU A 23 -12.42 6.93 2.69
C LEU A 23 -13.47 7.43 3.69
N LEU A 24 -14.13 6.54 4.37
CA LEU A 24 -15.16 6.96 5.35
C LEU A 24 -14.56 7.94 6.36
N HIS A 25 -13.26 7.96 6.47
CA HIS A 25 -12.62 8.90 7.44
C HIS A 25 -12.41 10.26 6.76
N LEU A 26 -12.44 10.30 5.45
CA LEU A 26 -12.25 11.58 4.73
C LEU A 26 -13.50 12.46 4.87
N NH2 A 27 -13.38 13.75 4.96
HN1 NH2 A 27 -12.48 14.16 4.93
HN2 NH2 A 27 -14.17 14.32 5.05
N GLY A 1 7.78 -11.82 -8.92
CA GLY A 1 8.17 -12.19 -10.31
C GLY A 1 8.52 -10.94 -11.11
N ARG A 2 7.53 -10.28 -11.65
CA ARG A 2 7.82 -9.05 -12.46
C ARG A 2 6.67 -8.05 -12.33
N PHE A 3 5.67 -8.17 -13.15
CA PHE A 3 4.51 -7.23 -13.09
C PHE A 3 3.58 -7.59 -11.93
N LYS A 4 3.58 -8.83 -11.52
CA LYS A 4 2.70 -9.24 -10.41
C LYS A 4 3.15 -8.56 -9.11
N ARG A 5 4.41 -8.69 -8.79
CA ARG A 5 4.91 -8.04 -7.55
C ARG A 5 4.60 -6.55 -7.59
N PHE A 6 4.38 -6.02 -8.77
CA PHE A 6 4.07 -4.58 -8.91
C PHE A 6 2.75 -4.25 -8.24
N ARG A 7 1.76 -5.08 -8.44
CA ARG A 7 0.44 -4.82 -7.81
C ARG A 7 0.58 -4.84 -6.30
N LYS A 8 1.22 -5.85 -5.78
CA LYS A 8 1.41 -5.94 -4.31
C LYS A 8 2.12 -4.67 -3.81
N LYS A 9 3.06 -4.19 -4.58
CA LYS A 9 3.80 -2.97 -4.17
C LYS A 9 2.81 -1.82 -4.00
N PHE A 10 1.93 -1.65 -4.95
CA PHE A 10 0.94 -0.56 -4.85
C PHE A 10 0.12 -0.73 -3.59
N LYS A 11 -0.20 -1.96 -3.25
CA LYS A 11 -0.97 -2.22 -2.02
C LYS A 11 -0.17 -1.76 -0.81
N LYS A 12 1.06 -2.18 -0.72
CA LYS A 12 1.90 -1.76 0.42
C LYS A 12 2.11 -0.24 0.36
N LEU A 13 2.37 0.27 -0.80
CA LEU A 13 2.57 1.73 -0.94
C LEU A 13 1.33 2.49 -0.48
N PHE A 14 0.17 1.96 -0.74
CA PHE A 14 -1.08 2.64 -0.33
C PHE A 14 -1.11 2.82 1.19
N LYS A 15 -0.64 1.84 1.90
CA LYS A 15 -0.64 1.95 3.38
C LYS A 15 0.38 3.01 3.82
N LYS A 16 1.58 2.92 3.35
CA LYS A 16 2.60 3.92 3.73
C LYS A 16 2.08 5.32 3.38
N LEU A 17 1.23 5.42 2.40
CA LEU A 17 0.70 6.75 2.00
C LEU A 17 -0.04 7.41 3.18
N SER A 18 -0.91 6.68 3.82
CA SER A 18 -1.67 7.26 4.98
C SER A 18 -1.00 6.93 6.33
N PRO A 19 0.02 7.66 6.69
CA PRO A 19 0.68 7.43 8.00
C PRO A 19 -0.26 7.82 9.13
N VAL A 20 -0.87 8.96 9.00
CA VAL A 20 -1.82 9.46 10.03
C VAL A 20 -2.18 10.92 9.71
N ILE A 21 -1.30 11.61 9.05
CA ILE A 21 -1.56 13.04 8.70
C ILE A 21 -0.83 13.40 7.39
N PRO A 22 -1.32 12.85 6.32
CA PRO A 22 -0.70 13.10 4.99
C PRO A 22 -1.12 14.47 4.45
N LEU A 23 -2.03 15.13 5.10
CA LEU A 23 -2.48 16.47 4.60
C LEU A 23 -1.31 17.47 4.63
N LEU A 24 -0.25 17.14 5.32
CA LEU A 24 0.91 18.06 5.37
C LEU A 24 1.60 18.13 4.02
N HIS A 25 1.82 17.02 3.39
CA HIS A 25 2.50 17.02 2.05
C HIS A 25 1.54 17.54 0.98
N LEU A 26 0.26 17.50 1.24
CA LEU A 26 -0.73 17.99 0.23
C LEU A 26 -0.92 19.50 0.38
N NH2 A 27 -1.22 20.22 -0.67
HN1 NH2 A 27 -1.31 19.78 -1.55
HN2 NH2 A 27 -1.34 21.19 -0.59
N GLY A 1 6.56 -14.45 -10.20
CA GLY A 1 5.95 -13.32 -10.97
C GLY A 1 6.61 -12.00 -10.56
N ARG A 2 7.36 -11.40 -11.44
CA ARG A 2 8.04 -10.11 -11.09
C ARG A 2 7.08 -8.94 -11.35
N PHE A 3 6.54 -8.87 -12.52
CA PHE A 3 5.60 -7.76 -12.84
C PHE A 3 4.40 -7.80 -11.89
N LYS A 4 3.89 -8.96 -11.63
CA LYS A 4 2.73 -9.06 -10.70
C LYS A 4 3.08 -8.44 -9.36
N ARG A 5 4.34 -8.47 -9.00
CA ARG A 5 4.75 -7.88 -7.70
C ARG A 5 4.40 -6.39 -7.66
N PHE A 6 4.42 -5.73 -8.78
CA PHE A 6 4.07 -4.29 -8.80
C PHE A 6 2.70 -4.10 -8.16
N ARG A 7 1.79 -4.99 -8.48
CA ARG A 7 0.43 -4.90 -7.89
C ARG A 7 0.53 -5.06 -6.37
N LYS A 8 1.35 -5.96 -5.92
CA LYS A 8 1.51 -6.17 -4.47
C LYS A 8 2.09 -4.91 -3.83
N LYS A 9 3.13 -4.39 -4.41
CA LYS A 9 3.75 -3.17 -3.84
C LYS A 9 2.72 -2.04 -3.77
N PHE A 10 1.80 -2.01 -4.70
CA PHE A 10 0.77 -0.95 -4.68
C PHE A 10 0.02 -1.00 -3.35
N LYS A 11 -0.28 -2.18 -2.88
CA LYS A 11 -1.00 -2.30 -1.59
C LYS A 11 -0.12 -1.72 -0.48
N LYS A 12 1.10 -2.16 -0.41
CA LYS A 12 2.02 -1.63 0.64
C LYS A 12 2.19 -0.13 0.44
N LEU A 13 2.41 0.29 -0.77
CA LEU A 13 2.57 1.73 -1.05
C LEU A 13 1.30 2.48 -0.67
N PHE A 14 0.16 1.89 -0.92
CA PHE A 14 -1.12 2.54 -0.55
C PHE A 14 -1.13 2.86 0.93
N LYS A 15 -0.48 2.05 1.73
CA LYS A 15 -0.45 2.31 3.18
C LYS A 15 0.39 3.54 3.45
N LYS A 16 1.65 3.50 3.09
CA LYS A 16 2.52 4.68 3.30
C LYS A 16 1.95 5.86 2.51
N LEU A 17 1.16 5.57 1.51
CA LEU A 17 0.57 6.65 0.68
C LEU A 17 -0.79 7.07 1.24
N SER A 18 -1.20 6.48 2.34
CA SER A 18 -2.52 6.84 2.94
C SER A 18 -2.59 8.31 3.34
N PRO A 19 -1.49 8.86 3.82
CA PRO A 19 -1.52 10.29 4.23
C PRO A 19 -1.62 11.21 3.00
N VAL A 20 -1.79 10.66 1.82
CA VAL A 20 -1.91 11.51 0.59
C VAL A 20 -2.72 12.77 0.92
N ILE A 21 -3.82 12.61 1.61
CA ILE A 21 -4.69 13.75 1.99
C ILE A 21 -4.65 14.86 0.93
N PRO A 22 -5.75 14.98 0.23
CA PRO A 22 -5.87 16.03 -0.82
C PRO A 22 -5.85 17.42 -0.19
N LEU A 23 -5.78 17.49 1.12
CA LEU A 23 -5.75 18.83 1.78
C LEU A 23 -4.31 19.33 1.89
N LEU A 24 -3.36 18.46 1.69
CA LEU A 24 -1.93 18.87 1.78
C LEU A 24 -1.59 19.89 0.70
N HIS A 25 -1.98 19.63 -0.51
CA HIS A 25 -1.68 20.58 -1.62
C HIS A 25 -2.72 21.70 -1.67
N LEU A 26 -3.91 21.44 -1.20
CA LEU A 26 -4.96 22.51 -1.23
C LEU A 26 -4.79 23.45 -0.03
N NH2 A 27 -5.28 24.65 -0.09
HN1 NH2 A 27 -5.74 24.96 -0.90
HN2 NH2 A 27 -5.18 25.27 0.68
N GLY A 1 4.92 -13.71 -13.65
CA GLY A 1 4.11 -12.58 -13.11
C GLY A 1 5.02 -11.39 -12.84
N ARG A 2 5.96 -11.13 -13.72
CA ARG A 2 6.90 -9.98 -13.52
C ARG A 2 6.16 -8.78 -12.92
N PHE A 3 5.41 -8.06 -13.72
CA PHE A 3 4.68 -6.87 -13.21
C PHE A 3 3.75 -7.28 -12.05
N LYS A 4 3.38 -8.53 -12.01
CA LYS A 4 2.47 -8.99 -10.91
C LYS A 4 3.02 -8.55 -9.57
N ARG A 5 4.32 -8.47 -9.45
CA ARG A 5 4.92 -8.05 -8.16
C ARG A 5 4.56 -6.60 -7.86
N PHE A 6 4.58 -5.76 -8.86
CA PHE A 6 4.23 -4.34 -8.64
C PHE A 6 2.83 -4.22 -8.07
N ARG A 7 1.96 -5.13 -8.42
CA ARG A 7 0.57 -5.07 -7.89
C ARG A 7 0.60 -5.23 -6.38
N LYS A 8 1.28 -6.24 -5.90
CA LYS A 8 1.36 -6.44 -4.43
C LYS A 8 2.08 -5.26 -3.79
N LYS A 9 3.18 -4.87 -4.34
CA LYS A 9 3.93 -3.71 -3.78
C LYS A 9 3.02 -2.49 -3.77
N PHE A 10 2.14 -2.38 -4.72
CA PHE A 10 1.23 -1.21 -4.79
C PHE A 10 0.40 -1.13 -3.50
N LYS A 11 0.08 -2.25 -2.93
CA LYS A 11 -0.73 -2.24 -1.68
C LYS A 11 0.05 -1.52 -0.58
N LYS A 12 1.30 -1.87 -0.42
CA LYS A 12 2.12 -1.22 0.63
C LYS A 12 2.14 0.29 0.41
N LEU A 13 2.02 0.72 -0.82
CA LEU A 13 2.03 2.17 -1.10
C LEU A 13 0.77 2.80 -0.51
N PHE A 14 -0.34 2.16 -0.66
CA PHE A 14 -1.61 2.70 -0.11
C PHE A 14 -1.39 3.06 1.36
N LYS A 15 -0.67 2.24 2.06
CA LYS A 15 -0.40 2.53 3.49
C LYS A 15 0.43 3.81 3.62
N LYS A 16 1.48 3.90 2.84
CA LYS A 16 2.32 5.12 2.89
C LYS A 16 1.48 6.34 2.49
N LEU A 17 0.53 6.14 1.62
CA LEU A 17 -0.32 7.26 1.16
C LEU A 17 -1.20 7.77 2.31
N SER A 18 -1.87 6.88 3.00
CA SER A 18 -2.74 7.32 4.12
C SER A 18 -1.94 8.24 5.07
N PRO A 19 -2.31 9.49 5.07
CA PRO A 19 -1.62 10.50 5.91
C PRO A 19 -1.94 10.29 7.40
N VAL A 20 -0.93 9.99 8.18
CA VAL A 20 -1.13 9.78 9.65
C VAL A 20 -2.49 9.13 9.94
N ILE A 21 -2.84 8.11 9.22
CA ILE A 21 -4.13 7.42 9.47
C ILE A 21 -4.03 6.49 10.70
N PRO A 22 -2.90 5.86 10.86
CA PRO A 22 -2.71 4.94 12.01
C PRO A 22 -2.42 5.75 13.29
N LEU A 23 -1.95 6.96 13.14
CA LEU A 23 -1.65 7.79 14.34
C LEU A 23 -2.94 8.11 15.10
N LEU A 24 -4.04 8.14 14.42
CA LEU A 24 -5.33 8.44 15.09
C LEU A 24 -5.61 7.41 16.18
N HIS A 25 -5.09 6.22 16.04
CA HIS A 25 -5.33 5.17 17.07
C HIS A 25 -4.55 5.49 18.35
N LEU A 26 -3.35 5.96 18.21
CA LEU A 26 -2.55 6.28 19.43
C LEU A 26 -3.01 7.61 20.04
N NH2 A 27 -2.77 8.73 19.41
HN1 NH2 A 27 -2.30 8.71 18.56
HN2 NH2 A 27 -3.07 9.58 19.79
N GLY A 1 9.67 -12.81 -13.97
CA GLY A 1 8.28 -12.27 -14.07
C GLY A 1 7.87 -11.66 -12.73
N ARG A 2 8.53 -10.61 -12.31
CA ARG A 2 8.17 -9.98 -11.01
C ARG A 2 7.10 -8.91 -11.22
N PHE A 3 6.58 -8.81 -12.42
CA PHE A 3 5.55 -7.77 -12.69
C PHE A 3 4.35 -7.97 -11.77
N LYS A 4 4.25 -9.10 -11.12
CA LYS A 4 3.12 -9.34 -10.20
C LYS A 4 3.33 -8.54 -8.92
N ARG A 5 4.48 -8.65 -8.33
CA ARG A 5 4.75 -7.90 -7.08
C ARG A 5 4.48 -6.41 -7.31
N PHE A 6 4.60 -5.96 -8.53
CA PHE A 6 4.35 -4.53 -8.82
C PHE A 6 2.93 -4.18 -8.40
N ARG A 7 1.99 -5.01 -8.73
CA ARG A 7 0.59 -4.74 -8.34
C ARG A 7 0.49 -4.77 -6.81
N LYS A 8 0.95 -5.84 -6.22
CA LYS A 8 0.92 -5.95 -4.75
C LYS A 8 1.66 -4.76 -4.12
N LYS A 9 2.62 -4.23 -4.82
CA LYS A 9 3.39 -3.07 -4.28
C LYS A 9 2.44 -1.89 -4.08
N PHE A 10 1.59 -1.63 -5.03
CA PHE A 10 0.65 -0.49 -4.88
C PHE A 10 -0.10 -0.65 -3.56
N LYS A 11 -0.48 -1.85 -3.24
CA LYS A 11 -1.21 -2.08 -1.97
C LYS A 11 -0.30 -1.72 -0.79
N LYS A 12 0.92 -2.19 -0.81
CA LYS A 12 1.85 -1.85 0.28
C LYS A 12 2.13 -0.36 0.25
N LEU A 13 2.35 0.18 -0.91
CA LEU A 13 2.61 1.63 -1.03
C LEU A 13 1.45 2.42 -0.43
N PHE A 14 0.25 1.92 -0.59
CA PHE A 14 -0.94 2.64 -0.04
C PHE A 14 -0.78 2.81 1.47
N LYS A 15 -0.29 1.80 2.14
CA LYS A 15 -0.10 1.92 3.61
C LYS A 15 0.86 3.06 3.93
N LYS A 16 1.85 3.25 3.11
CA LYS A 16 2.82 4.34 3.35
C LYS A 16 2.15 5.70 3.19
N LEU A 17 1.48 5.90 2.09
CA LEU A 17 0.80 7.19 1.86
C LEU A 17 -0.58 7.18 2.53
N SER A 18 -1.01 6.05 3.02
CA SER A 18 -2.34 5.98 3.69
C SER A 18 -2.46 7.08 4.76
N PRO A 19 -3.24 8.08 4.45
CA PRO A 19 -3.45 9.18 5.41
C PRO A 19 -4.41 8.74 6.50
N VAL A 20 -5.45 8.05 6.13
CA VAL A 20 -6.43 7.56 7.12
C VAL A 20 -7.06 6.25 6.63
N ILE A 21 -6.41 5.57 5.73
CA ILE A 21 -6.95 4.28 5.19
C ILE A 21 -8.34 4.46 4.59
N PRO A 22 -8.42 5.36 3.63
CA PRO A 22 -9.70 5.62 2.94
C PRO A 22 -9.95 4.55 1.87
N LEU A 23 -9.05 3.62 1.71
CA LEU A 23 -9.24 2.57 0.68
C LEU A 23 -10.18 1.47 1.19
N LEU A 24 -10.10 1.14 2.44
CA LEU A 24 -10.99 0.09 2.99
C LEU A 24 -12.45 0.46 2.73
N HIS A 25 -12.72 1.70 2.44
CA HIS A 25 -14.12 2.13 2.18
C HIS A 25 -14.46 1.97 0.70
N LEU A 26 -13.48 1.86 -0.14
CA LEU A 26 -13.75 1.71 -1.60
C LEU A 26 -14.51 0.40 -1.85
N NH2 A 27 -15.80 0.38 -1.67
HN1 NH2 A 27 -16.27 1.19 -1.37
HN2 NH2 A 27 -16.30 -0.45 -1.82
N GLY A 1 4.71 -16.44 -11.25
CA GLY A 1 5.26 -15.16 -11.79
C GLY A 1 5.48 -14.18 -10.64
N ARG A 2 6.56 -13.45 -10.66
CA ARG A 2 6.82 -12.47 -9.56
C ARG A 2 6.49 -11.05 -10.01
N PHE A 3 6.51 -10.79 -11.30
CA PHE A 3 6.19 -9.43 -11.79
C PHE A 3 4.87 -8.97 -11.16
N LYS A 4 3.96 -9.87 -10.98
CA LYS A 4 2.66 -9.50 -10.37
C LYS A 4 2.91 -8.81 -9.03
N ARG A 5 4.02 -9.09 -8.41
CA ARG A 5 4.33 -8.45 -7.10
C ARG A 5 4.37 -6.94 -7.26
N PHE A 6 4.79 -6.46 -8.40
CA PHE A 6 4.85 -5.00 -8.62
C PHE A 6 3.46 -4.39 -8.38
N ARG A 7 2.44 -5.07 -8.83
CA ARG A 7 1.06 -4.56 -8.61
C ARG A 7 0.78 -4.56 -7.12
N LYS A 8 0.95 -5.68 -6.48
CA LYS A 8 0.73 -5.74 -5.02
C LYS A 8 1.61 -4.69 -4.35
N LYS A 9 2.67 -4.30 -5.01
CA LYS A 9 3.57 -3.26 -4.45
C LYS A 9 2.80 -1.96 -4.25
N PHE A 10 2.05 -1.55 -5.23
CA PHE A 10 1.27 -0.31 -5.09
C PHE A 10 0.41 -0.41 -3.81
N LYS A 11 -0.14 -1.56 -3.57
CA LYS A 11 -0.96 -1.75 -2.35
C LYS A 11 -0.15 -1.32 -1.13
N LYS A 12 1.13 -1.59 -1.15
CA LYS A 12 2.00 -1.20 -0.01
C LYS A 12 1.97 0.31 0.15
N LEU A 13 1.95 1.04 -0.93
CA LEU A 13 1.92 2.51 -0.83
C LEU A 13 0.75 2.94 0.07
N PHE A 14 -0.35 2.24 -0.02
CA PHE A 14 -1.51 2.60 0.84
C PHE A 14 -1.11 2.44 2.30
N LYS A 15 -0.47 1.36 2.63
CA LYS A 15 -0.02 1.16 4.02
C LYS A 15 1.11 2.15 4.32
N LYS A 16 1.96 2.37 3.36
CA LYS A 16 3.07 3.33 3.56
C LYS A 16 2.49 4.67 3.99
N LEU A 17 1.31 5.00 3.51
CA LEU A 17 0.70 6.29 3.91
C LEU A 17 0.76 6.43 5.43
N SER A 18 0.71 5.36 6.15
CA SER A 18 0.79 5.46 7.64
C SER A 18 2.17 6.02 8.03
N PRO A 19 3.21 5.25 7.77
CA PRO A 19 4.58 5.71 8.08
C PRO A 19 5.03 6.73 7.03
N VAL A 20 5.53 7.87 7.46
CA VAL A 20 6.01 8.92 6.50
C VAL A 20 4.83 9.69 5.88
N ILE A 21 3.64 9.12 5.88
CA ILE A 21 2.45 9.81 5.30
C ILE A 21 2.84 10.78 4.19
N PRO A 22 3.34 10.24 3.12
CA PRO A 22 3.76 11.07 1.96
C PRO A 22 2.51 11.63 1.27
N LEU A 23 1.35 11.18 1.65
CA LEU A 23 0.11 11.70 1.02
C LEU A 23 -0.04 13.18 1.34
N LEU A 24 -0.12 13.52 2.60
CA LEU A 24 -0.24 14.95 2.98
C LEU A 24 0.93 15.74 2.40
N HIS A 25 2.06 15.11 2.23
CA HIS A 25 3.24 15.82 1.66
C HIS A 25 3.06 16.02 0.16
N LEU A 26 2.37 15.12 -0.48
CA LEU A 26 2.15 15.24 -1.94
C LEU A 26 0.87 16.05 -2.22
N NH2 A 27 0.44 16.87 -1.31
HN1 NH2 A 27 0.93 16.97 -0.46
HN2 NH2 A 27 -0.38 17.39 -1.46
N GLY A 1 3.95 -14.56 -7.84
CA GLY A 1 4.07 -14.11 -9.25
C GLY A 1 5.16 -13.05 -9.35
N ARG A 2 6.00 -13.14 -10.36
CA ARG A 2 7.09 -12.12 -10.51
C ARG A 2 6.48 -10.74 -10.74
N PHE A 3 6.11 -10.44 -11.95
CA PHE A 3 5.51 -9.11 -12.23
C PHE A 3 4.30 -8.87 -11.32
N LYS A 4 3.61 -9.91 -10.97
CA LYS A 4 2.43 -9.76 -10.09
C LYS A 4 2.83 -8.98 -8.83
N ARG A 5 4.06 -9.13 -8.41
CA ARG A 5 4.53 -8.40 -7.20
C ARG A 5 4.49 -6.89 -7.45
N PHE A 6 4.65 -6.48 -8.69
CA PHE A 6 4.62 -5.03 -8.99
C PHE A 6 3.28 -4.45 -8.56
N ARG A 7 2.21 -5.14 -8.85
CA ARG A 7 0.88 -4.63 -8.46
C ARG A 7 0.80 -4.58 -6.93
N LYS A 8 1.13 -5.66 -6.30
CA LYS A 8 1.11 -5.67 -4.82
C LYS A 8 2.00 -4.54 -4.27
N LYS A 9 2.87 -4.02 -5.10
CA LYS A 9 3.76 -2.93 -4.64
C LYS A 9 2.94 -1.65 -4.39
N PHE A 10 2.04 -1.32 -5.29
CA PHE A 10 1.23 -0.10 -5.08
C PHE A 10 0.36 -0.27 -3.83
N LYS A 11 0.03 -1.50 -3.51
CA LYS A 11 -0.80 -1.75 -2.31
C LYS A 11 -0.04 -1.34 -1.06
N LYS A 12 1.18 -1.77 -0.94
CA LYS A 12 1.99 -1.41 0.25
C LYS A 12 2.09 0.10 0.38
N LEU A 13 2.16 0.79 -0.73
CA LEU A 13 2.26 2.27 -0.68
C LEU A 13 1.04 2.85 0.04
N PHE A 14 -0.11 2.25 -0.13
CA PHE A 14 -1.32 2.76 0.54
C PHE A 14 -1.19 2.55 2.05
N LYS A 15 -0.88 1.35 2.45
CA LYS A 15 -0.73 1.06 3.90
C LYS A 15 0.33 1.99 4.50
N LYS A 16 1.30 2.39 3.72
CA LYS A 16 2.35 3.29 4.23
C LYS A 16 1.74 4.61 4.66
N LEU A 17 0.88 5.16 3.84
CA LEU A 17 0.25 6.46 4.17
C LEU A 17 -0.98 6.25 5.07
N SER A 18 -1.31 5.02 5.35
CA SER A 18 -2.50 4.76 6.22
C SER A 18 -2.25 5.30 7.64
N PRO A 19 -1.21 4.81 8.24
CA PRO A 19 -0.86 5.24 9.62
C PRO A 19 -0.31 6.67 9.59
N VAL A 20 -1.18 7.65 9.54
CA VAL A 20 -0.73 9.09 9.52
C VAL A 20 -1.87 10.04 9.09
N ILE A 21 -3.00 9.52 8.67
CA ILE A 21 -4.12 10.40 8.24
C ILE A 21 -4.76 11.17 9.42
N PRO A 22 -4.78 10.58 10.59
CA PRO A 22 -5.41 11.26 11.75
C PRO A 22 -4.53 12.39 12.31
N LEU A 23 -3.46 12.74 11.64
CA LEU A 23 -2.59 13.83 12.14
C LEU A 23 -3.17 15.20 11.73
N LEU A 24 -3.95 15.22 10.70
CA LEU A 24 -4.54 16.51 10.23
C LEU A 24 -5.37 17.15 11.34
N HIS A 25 -6.03 16.36 12.13
CA HIS A 25 -6.86 16.92 13.23
C HIS A 25 -5.98 17.53 14.31
N LEU A 26 -5.07 16.78 14.84
CA LEU A 26 -4.18 17.31 15.91
C LEU A 26 -3.15 18.28 15.32
N NH2 A 27 -2.40 18.99 16.13
HN1 NH2 A 27 -2.51 18.90 17.09
HN2 NH2 A 27 -1.75 19.62 15.75
N GLY A 1 2.75 -14.14 -15.43
CA GLY A 1 2.03 -13.99 -14.13
C GLY A 1 3.02 -13.52 -13.06
N ARG A 2 4.08 -12.88 -13.45
CA ARG A 2 5.08 -12.39 -12.45
C ARG A 2 4.87 -10.89 -12.21
N PHE A 3 4.22 -10.22 -13.12
CA PHE A 3 3.99 -8.75 -12.94
C PHE A 3 3.19 -8.48 -11.68
N LYS A 4 2.55 -9.48 -11.13
CA LYS A 4 1.74 -9.27 -9.90
C LYS A 4 2.61 -8.64 -8.81
N ARG A 5 3.88 -8.90 -8.84
CA ARG A 5 4.79 -8.33 -7.81
C ARG A 5 4.72 -6.81 -7.83
N PHE A 6 4.65 -6.23 -8.99
CA PHE A 6 4.57 -4.75 -9.08
C PHE A 6 3.27 -4.27 -8.46
N ARG A 7 2.18 -4.83 -8.87
CA ARG A 7 0.87 -4.42 -8.29
C ARG A 7 0.88 -4.67 -6.78
N LYS A 8 1.66 -5.61 -6.33
CA LYS A 8 1.73 -5.90 -4.87
C LYS A 8 2.32 -4.71 -4.14
N LYS A 9 3.41 -4.17 -4.63
CA LYS A 9 4.03 -3.01 -3.96
C LYS A 9 3.00 -1.89 -3.80
N PHE A 10 2.13 -1.74 -4.76
CA PHE A 10 1.10 -0.69 -4.68
C PHE A 10 0.31 -0.84 -3.38
N LYS A 11 0.03 -2.05 -2.99
CA LYS A 11 -0.72 -2.26 -1.73
C LYS A 11 0.06 -1.66 -0.56
N LYS A 12 1.35 -1.86 -0.53
CA LYS A 12 2.17 -1.28 0.56
C LYS A 12 2.14 0.23 0.46
N LEU A 13 2.25 0.75 -0.73
CA LEU A 13 2.20 2.20 -0.93
C LEU A 13 0.88 2.75 -0.38
N PHE A 14 -0.20 2.09 -0.71
CA PHE A 14 -1.51 2.54 -0.20
C PHE A 14 -1.51 2.54 1.33
N LYS A 15 -0.87 1.58 1.93
CA LYS A 15 -0.81 1.53 3.41
C LYS A 15 -0.07 2.76 3.93
N LYS A 16 0.90 3.24 3.19
CA LYS A 16 1.64 4.43 3.64
C LYS A 16 0.65 5.55 3.95
N LEU A 17 -0.34 5.71 3.11
CA LEU A 17 -1.35 6.77 3.37
C LEU A 17 -1.78 6.74 4.83
N SER A 18 -2.33 5.64 5.25
CA SER A 18 -2.78 5.53 6.68
C SER A 18 -1.68 6.08 7.60
N PRO A 19 -2.09 6.93 8.51
CA PRO A 19 -1.14 7.55 9.46
C PRO A 19 -0.82 6.62 10.63
N VAL A 20 -0.80 5.33 10.42
CA VAL A 20 -0.50 4.38 11.52
C VAL A 20 -1.66 4.36 12.54
N ILE A 21 -2.88 4.39 12.06
CA ILE A 21 -4.07 4.36 12.97
C ILE A 21 -3.76 5.03 14.31
N PRO A 22 -3.41 6.28 14.24
CA PRO A 22 -3.08 7.05 15.47
C PRO A 22 -4.36 7.50 16.17
N LEU A 23 -5.50 7.18 15.63
CA LEU A 23 -6.78 7.59 16.27
C LEU A 23 -7.02 6.76 17.54
N LEU A 24 -7.00 5.46 17.42
CA LEU A 24 -7.22 4.61 18.61
C LEU A 24 -6.24 4.99 19.73
N HIS A 25 -5.13 5.56 19.37
CA HIS A 25 -4.13 5.96 20.41
C HIS A 25 -4.45 7.37 20.93
N LEU A 26 -4.83 8.26 20.07
CA LEU A 26 -5.16 9.64 20.53
C LEU A 26 -6.61 9.71 21.01
N NH2 A 27 -7.57 9.64 20.13
HN1 NH2 A 27 -7.37 9.57 19.18
HN2 NH2 A 27 -8.51 9.69 20.44
N GLY A 1 3.55 -14.98 -14.40
CA GLY A 1 2.57 -14.04 -13.77
C GLY A 1 3.24 -13.27 -12.65
N ARG A 2 4.26 -12.50 -12.95
CA ARG A 2 4.95 -11.73 -11.89
C ARG A 2 4.34 -10.34 -11.78
N PHE A 3 3.37 -10.03 -12.60
CA PHE A 3 2.74 -8.68 -12.54
C PHE A 3 2.20 -8.42 -11.14
N LYS A 4 1.83 -9.46 -10.43
CA LYS A 4 1.29 -9.27 -9.06
C LYS A 4 2.35 -8.64 -8.15
N ARG A 5 3.58 -9.04 -8.30
CA ARG A 5 4.65 -8.46 -7.45
C ARG A 5 4.70 -6.94 -7.65
N PHE A 6 4.60 -6.51 -8.87
CA PHE A 6 4.64 -5.05 -9.14
C PHE A 6 3.43 -4.39 -8.49
N ARG A 7 2.25 -4.90 -8.76
CA ARG A 7 1.04 -4.32 -8.15
C ARG A 7 1.15 -4.42 -6.63
N LYS A 8 1.79 -5.46 -6.16
CA LYS A 8 1.95 -5.63 -4.69
C LYS A 8 2.70 -4.42 -4.13
N LYS A 9 3.65 -3.91 -4.85
CA LYS A 9 4.40 -2.74 -4.36
C LYS A 9 3.46 -1.54 -4.27
N PHE A 10 2.57 -1.41 -5.23
CA PHE A 10 1.61 -0.28 -5.21
C PHE A 10 0.68 -0.41 -4.01
N LYS A 11 0.11 -1.57 -3.82
CA LYS A 11 -0.82 -1.76 -2.68
C LYS A 11 -0.06 -1.51 -1.36
N LYS A 12 1.23 -1.72 -1.38
CA LYS A 12 2.04 -1.50 -0.15
C LYS A 12 2.05 -0.01 0.19
N LEU A 13 2.01 0.84 -0.80
CA LEU A 13 2.01 2.30 -0.53
C LEU A 13 0.72 2.68 0.19
N PHE A 14 -0.39 2.19 -0.29
CA PHE A 14 -1.69 2.49 0.34
C PHE A 14 -1.62 2.15 1.82
N LYS A 15 -1.03 1.03 2.14
CA LYS A 15 -0.92 0.62 3.56
C LYS A 15 -0.12 1.65 4.35
N LYS A 16 0.95 2.13 3.79
CA LYS A 16 1.79 3.13 4.50
C LYS A 16 1.02 4.43 4.69
N LEU A 17 0.24 4.82 3.72
CA LEU A 17 -0.52 6.09 3.83
C LEU A 17 -1.88 5.85 4.49
N SER A 18 -2.18 4.62 4.82
CA SER A 18 -3.50 4.33 5.46
C SER A 18 -3.82 5.39 6.51
N PRO A 19 -5.02 5.92 6.42
CA PRO A 19 -5.46 6.97 7.38
C PRO A 19 -5.72 6.37 8.76
N VAL A 20 -6.05 5.11 8.82
CA VAL A 20 -6.31 4.47 10.14
C VAL A 20 -5.17 4.81 11.12
N ILE A 21 -3.97 4.91 10.63
CA ILE A 21 -2.82 5.24 11.52
C ILE A 21 -1.76 6.03 10.74
N PRO A 22 -1.94 7.31 10.71
CA PRO A 22 -0.99 8.20 9.99
C PRO A 22 0.31 8.34 10.80
N LEU A 23 0.34 7.81 11.98
CA LEU A 23 1.58 7.92 12.82
C LEU A 23 2.64 6.94 12.32
N LEU A 24 2.24 5.94 11.58
CA LEU A 24 3.22 4.95 11.07
C LEU A 24 4.14 5.59 10.02
N HIS A 25 3.63 6.54 9.28
CA HIS A 25 4.46 7.19 8.23
C HIS A 25 5.21 8.40 8.81
N LEU A 26 5.05 8.65 10.08
CA LEU A 26 5.76 9.81 10.69
C LEU A 26 7.24 9.80 10.30
N NH2 A 27 7.62 10.45 9.23
HN1 NH2 A 27 6.95 10.93 8.69
HN2 NH2 A 27 8.56 10.44 8.96
N GLY A 1 2.35 -13.95 -11.05
CA GLY A 1 3.37 -14.45 -12.02
C GLY A 1 4.49 -13.42 -12.16
N ARG A 2 4.19 -12.27 -12.69
CA ARG A 2 5.24 -11.23 -12.85
C ARG A 2 4.68 -9.84 -12.53
N PHE A 3 3.46 -9.58 -12.90
CA PHE A 3 2.86 -8.26 -12.63
C PHE A 3 2.27 -8.24 -11.21
N LYS A 4 1.96 -9.39 -10.67
CA LYS A 4 1.39 -9.42 -9.30
C LYS A 4 2.33 -8.73 -8.32
N ARG A 5 3.60 -8.97 -8.46
CA ARG A 5 4.58 -8.33 -7.54
C ARG A 5 4.49 -6.80 -7.68
N PHE A 6 4.24 -6.34 -8.87
CA PHE A 6 4.14 -4.87 -9.09
C PHE A 6 2.96 -4.32 -8.30
N ARG A 7 1.83 -4.95 -8.40
CA ARG A 7 0.63 -4.47 -7.66
C ARG A 7 0.92 -4.47 -6.16
N LYS A 8 1.61 -5.49 -5.70
CA LYS A 8 1.93 -5.56 -4.25
C LYS A 8 2.78 -4.36 -3.85
N LYS A 9 3.74 -4.01 -4.66
CA LYS A 9 4.59 -2.85 -4.33
C LYS A 9 3.73 -1.60 -4.26
N PHE A 10 2.88 -1.40 -5.23
CA PHE A 10 2.00 -0.22 -5.22
C PHE A 10 1.05 -0.31 -4.03
N LYS A 11 0.43 -1.45 -3.86
CA LYS A 11 -0.49 -1.63 -2.72
C LYS A 11 0.25 -1.36 -1.41
N LYS A 12 1.55 -1.50 -1.43
CA LYS A 12 2.34 -1.27 -0.19
C LYS A 12 2.22 0.18 0.25
N LEU A 13 2.31 1.10 -0.67
CA LEU A 13 2.19 2.53 -0.30
C LEU A 13 0.77 2.84 0.14
N PHE A 14 -0.20 2.14 -0.40
CA PHE A 14 -1.60 2.38 -0.01
C PHE A 14 -1.83 1.80 1.40
N LYS A 15 -1.20 0.69 1.68
CA LYS A 15 -1.37 0.07 3.02
C LYS A 15 -0.90 1.04 4.10
N LYS A 16 0.18 1.74 3.85
CA LYS A 16 0.68 2.70 4.86
C LYS A 16 -0.45 3.65 5.24
N LEU A 17 -1.26 4.00 4.28
CA LEU A 17 -2.41 4.90 4.58
C LEU A 17 -3.33 4.23 5.60
N SER A 18 -3.93 3.14 5.22
CA SER A 18 -4.84 2.38 6.13
C SER A 18 -4.11 1.20 6.79
N PRO A 19 -3.22 1.47 7.71
CA PRO A 19 -2.48 0.37 8.39
C PRO A 19 -3.41 -0.44 9.29
N VAL A 20 -3.48 -0.09 10.55
CA VAL A 20 -4.36 -0.82 11.48
C VAL A 20 -5.07 0.16 12.43
N ILE A 21 -5.42 1.33 11.95
CA ILE A 21 -6.11 2.32 12.81
C ILE A 21 -5.29 2.64 14.07
N PRO A 22 -4.01 2.86 13.88
CA PRO A 22 -3.12 3.19 15.01
C PRO A 22 -3.31 4.65 15.43
N LEU A 23 -3.86 5.45 14.57
CA LEU A 23 -4.06 6.89 14.90
C LEU A 23 -5.06 7.02 16.05
N LEU A 24 -6.20 6.39 15.92
CA LEU A 24 -7.22 6.48 16.99
C LEU A 24 -6.60 6.11 18.34
N HIS A 25 -5.52 5.39 18.32
CA HIS A 25 -4.86 4.99 19.59
C HIS A 25 -3.98 6.13 20.11
N LEU A 26 -3.47 6.95 19.22
CA LEU A 26 -2.61 8.08 19.66
C LEU A 26 -3.47 9.33 19.92
N NH2 A 27 -4.27 9.75 18.98
HN1 NH2 A 27 -4.32 9.27 18.14
HN2 NH2 A 27 -4.82 10.55 19.14
N GLY A 1 1.21 -16.24 -9.00
CA GLY A 1 1.54 -15.45 -10.22
C GLY A 1 2.93 -14.84 -10.08
N ARG A 2 3.30 -13.97 -10.98
CA ARG A 2 4.65 -13.35 -10.89
C ARG A 2 4.54 -11.82 -11.02
N PHE A 3 4.26 -11.34 -12.20
CA PHE A 3 4.14 -9.86 -12.38
C PHE A 3 3.20 -9.29 -11.33
N LYS A 4 2.35 -10.10 -10.77
CA LYS A 4 1.41 -9.61 -9.73
C LYS A 4 2.18 -8.94 -8.60
N ARG A 5 3.41 -9.32 -8.41
CA ARG A 5 4.22 -8.70 -7.32
C ARG A 5 4.42 -7.21 -7.60
N PHE A 6 4.33 -6.80 -8.83
CA PHE A 6 4.50 -5.37 -9.15
C PHE A 6 3.36 -4.56 -8.56
N ARG A 7 2.15 -4.95 -8.84
CA ARG A 7 0.99 -4.23 -8.27
C ARG A 7 1.07 -4.25 -6.74
N LYS A 8 1.56 -5.33 -6.21
CA LYS A 8 1.68 -5.45 -4.73
C LYS A 8 2.55 -4.32 -4.19
N LYS A 9 3.53 -3.91 -4.94
CA LYS A 9 4.42 -2.81 -4.47
C LYS A 9 3.58 -1.56 -4.26
N PHE A 10 2.81 -1.20 -5.24
CA PHE A 10 1.95 0.00 -5.10
C PHE A 10 0.98 -0.21 -3.94
N LYS A 11 0.67 -1.44 -3.63
CA LYS A 11 -0.25 -1.72 -2.51
C LYS A 11 0.40 -1.30 -1.19
N LYS A 12 1.70 -1.24 -1.16
CA LYS A 12 2.41 -0.84 0.08
C LYS A 12 2.06 0.60 0.43
N LEU A 13 2.19 1.49 -0.52
CA LEU A 13 1.87 2.91 -0.25
C LEU A 13 0.43 3.04 0.26
N PHE A 14 -0.43 2.14 -0.13
CA PHE A 14 -1.83 2.20 0.33
C PHE A 14 -1.89 1.71 1.78
N LYS A 15 -1.18 0.66 2.08
CA LYS A 15 -1.19 0.14 3.47
C LYS A 15 -0.65 1.20 4.42
N LYS A 16 0.29 1.99 3.98
CA LYS A 16 0.84 3.05 4.86
C LYS A 16 -0.26 4.01 5.28
N LEU A 17 -1.12 4.36 4.37
CA LEU A 17 -2.22 5.30 4.71
C LEU A 17 -3.26 4.61 5.59
N SER A 18 -3.47 3.34 5.39
CA SER A 18 -4.47 2.61 6.22
C SER A 18 -3.81 2.06 7.50
N PRO A 19 -4.51 2.22 8.59
CA PRO A 19 -3.99 1.73 9.89
C PRO A 19 -4.06 0.20 9.97
N VAL A 20 -5.17 -0.33 10.40
CA VAL A 20 -5.31 -1.81 10.50
C VAL A 20 -6.37 -2.31 9.51
N ILE A 21 -6.85 -1.44 8.65
CA ILE A 21 -7.88 -1.82 7.64
C ILE A 21 -8.70 -3.04 8.09
N PRO A 22 -9.33 -2.90 9.23
CA PRO A 22 -10.16 -4.00 9.77
C PRO A 22 -11.58 -3.91 9.23
N LEU A 23 -11.87 -2.92 8.42
CA LEU A 23 -13.24 -2.78 7.87
C LEU A 23 -13.50 -3.80 6.76
N LEU A 24 -12.47 -4.43 6.26
CA LEU A 24 -12.68 -5.44 5.19
C LEU A 24 -13.62 -6.53 5.69
N HIS A 25 -13.43 -6.99 6.88
CA HIS A 25 -14.32 -8.04 7.44
C HIS A 25 -15.50 -7.41 8.17
N LEU A 26 -15.26 -6.33 8.88
CA LEU A 26 -16.36 -5.65 9.62
C LEU A 26 -17.10 -4.69 8.69
N NH2 A 27 -18.28 -4.23 9.05
HN1 NH2 A 27 -18.67 -4.51 9.91
HN2 NH2 A 27 -18.76 -3.61 8.46
N GLY A 1 8.59 -13.24 -6.94
CA GLY A 1 7.38 -12.67 -7.60
C GLY A 1 7.77 -12.11 -8.97
N ARG A 2 6.80 -11.73 -9.75
CA ARG A 2 7.11 -11.18 -11.09
C ARG A 2 6.29 -9.90 -11.32
N PHE A 3 5.89 -9.63 -12.52
CA PHE A 3 5.09 -8.42 -12.78
C PHE A 3 3.91 -8.38 -11.81
N LYS A 4 3.54 -9.50 -11.27
CA LYS A 4 2.40 -9.55 -10.32
C LYS A 4 2.79 -8.83 -9.03
N ARG A 5 3.91 -9.19 -8.46
CA ARG A 5 4.36 -8.54 -7.22
C ARG A 5 4.33 -7.02 -7.40
N PHE A 6 4.54 -6.57 -8.62
CA PHE A 6 4.52 -5.11 -8.89
C PHE A 6 3.19 -4.53 -8.44
N ARG A 7 2.12 -5.23 -8.67
CA ARG A 7 0.79 -4.74 -8.26
C ARG A 7 0.72 -4.65 -6.73
N LYS A 8 1.19 -5.67 -6.07
CA LYS A 8 1.17 -5.66 -4.59
C LYS A 8 2.00 -4.49 -4.07
N LYS A 9 3.05 -4.13 -4.78
CA LYS A 9 3.88 -3.00 -4.34
C LYS A 9 3.03 -1.74 -4.24
N PHE A 10 2.20 -1.51 -5.22
CA PHE A 10 1.33 -0.31 -5.19
C PHE A 10 0.45 -0.36 -3.94
N LYS A 11 0.03 -1.53 -3.55
CA LYS A 11 -0.80 -1.65 -2.34
C LYS A 11 0.06 -1.33 -1.12
N LYS A 12 1.35 -1.36 -1.28
CA LYS A 12 2.27 -1.06 -0.15
C LYS A 12 2.20 0.43 0.18
N LEU A 13 2.39 1.29 -0.79
CA LEU A 13 2.33 2.74 -0.50
C LEU A 13 0.99 3.09 0.14
N PHE A 14 -0.03 2.32 -0.14
CA PHE A 14 -1.36 2.60 0.46
C PHE A 14 -1.34 2.27 1.94
N LYS A 15 -0.99 1.06 2.28
CA LYS A 15 -0.94 0.65 3.70
C LYS A 15 0.10 1.49 4.44
N LYS A 16 1.06 2.01 3.73
CA LYS A 16 2.12 2.82 4.38
C LYS A 16 1.59 4.22 4.70
N LEU A 17 0.76 4.76 3.85
CA LEU A 17 0.21 6.12 4.07
C LEU A 17 -0.97 6.07 5.05
N SER A 18 -1.53 4.91 5.25
CA SER A 18 -2.68 4.80 6.20
C SER A 18 -2.25 5.15 7.63
N PRO A 19 -1.18 4.54 8.09
CA PRO A 19 -0.69 4.80 9.46
C PRO A 19 -0.04 6.19 9.56
N VAL A 20 0.12 6.87 8.46
CA VAL A 20 0.74 8.21 8.50
C VAL A 20 -0.18 9.22 9.22
N ILE A 21 -1.36 8.78 9.60
CA ILE A 21 -2.30 9.70 10.29
C ILE A 21 -2.74 9.09 11.64
N PRO A 22 -1.77 8.89 12.49
CA PRO A 22 -2.03 8.31 13.83
C PRO A 22 -2.78 9.32 14.71
N LEU A 23 -2.78 10.56 14.31
CA LEU A 23 -3.50 11.58 15.12
C LEU A 23 -4.93 11.13 15.39
N LEU A 24 -5.43 10.24 14.59
CA LEU A 24 -6.82 9.74 14.78
C LEU A 24 -6.96 9.14 16.18
N HIS A 25 -5.94 8.49 16.65
CA HIS A 25 -6.00 7.87 18.01
C HIS A 25 -5.52 8.86 19.06
N LEU A 26 -4.62 9.73 18.71
CA LEU A 26 -4.11 10.73 19.70
C LEU A 26 -5.28 11.40 20.41
N NH2 A 27 -5.45 11.19 21.69
HN1 NH2 A 27 -4.83 10.62 22.17
HN2 NH2 A 27 -6.20 11.63 22.15
N GLY A 1 -0.22 -9.53 -15.30
CA GLY A 1 0.90 -10.40 -15.77
C GLY A 1 2.12 -10.16 -14.89
N ARG A 2 3.21 -9.69 -15.46
CA ARG A 2 4.43 -9.43 -14.65
C ARG A 2 4.15 -8.37 -13.60
N PHE A 3 3.18 -7.53 -13.84
CA PHE A 3 2.85 -6.47 -12.85
C PHE A 3 2.40 -7.09 -11.52
N LYS A 4 2.18 -8.38 -11.50
CA LYS A 4 1.76 -9.04 -10.24
C LYS A 4 2.66 -8.59 -9.10
N ARG A 5 3.92 -8.42 -9.38
CA ARG A 5 4.86 -7.97 -8.33
C ARG A 5 4.53 -6.53 -7.94
N PHE A 6 4.44 -5.67 -8.90
CA PHE A 6 4.10 -4.25 -8.60
C PHE A 6 2.78 -4.20 -7.83
N ARG A 7 1.91 -5.13 -8.08
CA ARG A 7 0.61 -5.14 -7.36
C ARG A 7 0.86 -5.20 -5.86
N LYS A 8 1.81 -5.99 -5.45
CA LYS A 8 2.12 -6.08 -4.00
C LYS A 8 2.66 -4.74 -3.52
N LYS A 9 3.68 -4.25 -4.17
CA LYS A 9 4.27 -2.94 -3.79
C LYS A 9 3.19 -1.86 -3.85
N PHE A 10 2.29 -1.97 -4.78
CA PHE A 10 1.20 -0.96 -4.90
C PHE A 10 0.36 -0.97 -3.62
N LYS A 11 0.04 -2.13 -3.13
CA LYS A 11 -0.79 -2.20 -1.89
C LYS A 11 0.00 -1.59 -0.73
N LYS A 12 1.24 -1.98 -0.58
CA LYS A 12 2.07 -1.42 0.51
C LYS A 12 2.19 0.09 0.34
N LEU A 13 2.36 0.55 -0.86
CA LEU A 13 2.48 2.00 -1.09
C LEU A 13 1.19 2.70 -0.69
N PHE A 14 0.07 2.16 -1.07
CA PHE A 14 -1.22 2.78 -0.69
C PHE A 14 -1.40 2.68 0.82
N LYS A 15 -1.08 1.56 1.38
CA LYS A 15 -1.22 1.39 2.85
C LYS A 15 -0.33 2.37 3.60
N LYS A 16 0.85 2.63 3.07
CA LYS A 16 1.77 3.57 3.76
C LYS A 16 1.17 4.99 3.76
N LEU A 17 0.56 5.36 2.67
CA LEU A 17 -0.05 6.72 2.60
C LEU A 17 -1.21 6.84 3.58
N SER A 18 -1.91 5.76 3.80
CA SER A 18 -3.06 5.80 4.76
C SER A 18 -2.58 6.11 6.17
N PRO A 19 -3.49 6.53 6.99
CA PRO A 19 -3.17 6.86 8.39
C PRO A 19 -2.92 5.60 9.21
N VAL A 20 -1.74 5.03 9.08
CA VAL A 20 -1.38 3.79 9.84
C VAL A 20 -2.42 2.67 9.64
N ILE A 21 -2.81 2.45 8.40
CA ILE A 21 -3.80 1.36 8.12
C ILE A 21 -3.13 0.03 7.68
N PRO A 22 -1.82 0.00 7.50
CA PRO A 22 -1.17 -1.27 7.08
C PRO A 22 -1.02 -2.21 8.27
N LEU A 23 -1.50 -1.82 9.42
CA LEU A 23 -1.39 -2.69 10.62
C LEU A 23 -1.82 -4.11 10.26
N LEU A 24 -2.79 -4.24 9.41
CA LEU A 24 -3.26 -5.58 9.00
C LEU A 24 -2.08 -6.41 8.48
N HIS A 25 -1.18 -5.77 7.79
CA HIS A 25 0.00 -6.50 7.24
C HIS A 25 1.15 -6.46 8.25
N LEU A 26 1.10 -5.55 9.18
CA LEU A 26 2.20 -5.45 10.18
C LEU A 26 1.92 -6.37 11.38
N NH2 A 27 0.77 -6.28 12.00
HN1 NH2 A 27 0.11 -5.63 11.71
HN2 NH2 A 27 0.58 -6.86 12.77
N GLY A 1 2.20 -14.05 -14.82
CA GLY A 1 3.45 -13.42 -15.32
C GLY A 1 4.34 -13.06 -14.12
N ARG A 2 5.02 -11.95 -14.18
CA ARG A 2 5.90 -11.56 -13.05
C ARG A 2 5.54 -10.15 -12.54
N PHE A 3 4.93 -9.36 -13.38
CA PHE A 3 4.56 -7.99 -12.96
C PHE A 3 3.62 -8.02 -11.75
N LYS A 4 3.08 -9.16 -11.44
CA LYS A 4 2.16 -9.26 -10.27
C LYS A 4 2.85 -8.76 -9.00
N ARG A 5 4.13 -8.95 -8.91
CA ARG A 5 4.85 -8.50 -7.69
C ARG A 5 4.75 -6.98 -7.54
N PHE A 6 5.03 -6.26 -8.59
CA PHE A 6 4.94 -4.78 -8.53
C PHE A 6 3.53 -4.36 -8.11
N ARG A 7 2.54 -5.09 -8.55
CA ARG A 7 1.15 -4.74 -8.19
C ARG A 7 0.99 -4.75 -6.67
N LYS A 8 1.60 -5.69 -6.00
CA LYS A 8 1.50 -5.75 -4.53
C LYS A 8 1.98 -4.43 -3.94
N LYS A 9 3.05 -3.92 -4.47
CA LYS A 9 3.59 -2.63 -3.95
C LYS A 9 2.52 -1.55 -4.03
N PHE A 10 1.63 -1.64 -4.99
CA PHE A 10 0.55 -0.63 -5.10
C PHE A 10 -0.26 -0.64 -3.81
N LYS A 11 -0.70 -1.79 -3.40
CA LYS A 11 -1.48 -1.89 -2.14
C LYS A 11 -0.57 -1.50 -0.98
N LYS A 12 0.62 -2.05 -0.95
CA LYS A 12 1.56 -1.70 0.14
C LYS A 12 1.87 -0.21 0.10
N LEU A 13 1.93 0.35 -1.09
CA LEU A 13 2.22 1.80 -1.22
C LEU A 13 1.17 2.57 -0.42
N PHE A 14 -0.05 2.13 -0.44
CA PHE A 14 -1.11 2.82 0.34
C PHE A 14 -0.76 2.78 1.82
N LYS A 15 -0.26 1.67 2.29
CA LYS A 15 0.11 1.56 3.72
C LYS A 15 1.12 2.64 4.08
N LYS A 16 1.93 3.04 3.15
CA LYS A 16 2.93 4.11 3.44
C LYS A 16 2.20 5.40 3.82
N LEU A 17 1.18 5.74 3.08
CA LEU A 17 0.42 6.99 3.37
C LEU A 17 -0.46 6.80 4.61
N SER A 18 -0.82 5.59 4.93
CA SER A 18 -1.69 5.36 6.12
C SER A 18 -1.20 6.22 7.29
N PRO A 19 -2.03 6.28 8.31
CA PRO A 19 -1.68 7.06 9.52
C PRO A 19 -0.48 6.43 10.23
N VAL A 20 0.63 6.35 9.54
CA VAL A 20 1.86 5.75 10.15
C VAL A 20 1.52 4.52 11.00
N ILE A 21 0.41 3.87 10.73
CA ILE A 21 0.04 2.66 11.52
C ILE A 21 -0.90 1.76 10.68
N PRO A 22 -0.36 1.28 9.58
CA PRO A 22 -1.13 0.41 8.68
C PRO A 22 -1.01 -1.06 9.12
N LEU A 23 -0.03 -1.37 9.92
CA LEU A 23 0.16 -2.78 10.37
C LEU A 23 -0.88 -3.15 11.43
N LEU A 24 -1.29 -2.21 12.22
CA LEU A 24 -2.28 -2.50 13.29
C LEU A 24 -3.55 -3.12 12.69
N HIS A 25 -3.80 -2.85 11.43
CA HIS A 25 -5.02 -3.42 10.79
C HIS A 25 -4.73 -4.82 10.23
N LEU A 26 -3.55 -5.04 9.75
CA LEU A 26 -3.20 -6.39 9.19
C LEU A 26 -2.65 -7.29 10.28
N NH2 A 27 -1.48 -7.03 10.80
HN1 NH2 A 27 -0.97 -6.26 10.48
HN2 NH2 A 27 -1.11 -7.60 11.50
N GLY A 1 4.69 -16.84 -12.09
CA GLY A 1 4.37 -15.41 -12.37
C GLY A 1 4.66 -14.56 -11.14
N ARG A 2 5.71 -13.80 -11.15
CA ARG A 2 6.05 -12.95 -9.98
C ARG A 2 5.76 -11.48 -10.27
N PHE A 3 5.43 -11.16 -11.49
CA PHE A 3 5.13 -9.73 -11.84
C PHE A 3 4.03 -9.20 -10.94
N LYS A 4 3.13 -10.04 -10.51
CA LYS A 4 2.05 -9.58 -9.61
C LYS A 4 2.65 -8.71 -8.50
N ARG A 5 3.90 -8.94 -8.20
CA ARG A 5 4.57 -8.16 -7.14
C ARG A 5 4.45 -6.67 -7.43
N PHE A 6 4.42 -6.30 -8.68
CA PHE A 6 4.30 -4.87 -9.04
C PHE A 6 3.04 -4.30 -8.39
N ARG A 7 1.94 -4.98 -8.54
CA ARG A 7 0.68 -4.50 -7.95
C ARG A 7 0.82 -4.46 -6.42
N LYS A 8 1.40 -5.47 -5.85
CA LYS A 8 1.58 -5.48 -4.38
C LYS A 8 2.38 -4.25 -3.94
N LYS A 9 3.22 -3.75 -4.79
CA LYS A 9 4.02 -2.56 -4.43
C LYS A 9 3.11 -1.36 -4.28
N PHE A 10 2.33 -1.06 -5.29
CA PHE A 10 1.40 0.09 -5.20
C PHE A 10 0.46 -0.12 -4.02
N LYS A 11 0.01 -1.34 -3.82
CA LYS A 11 -0.88 -1.62 -2.69
C LYS A 11 -0.15 -1.37 -1.38
N LYS A 12 1.03 -1.92 -1.26
CA LYS A 12 1.83 -1.71 -0.02
C LYS A 12 2.03 -0.22 0.19
N LEU A 13 2.26 0.50 -0.88
CA LEU A 13 2.45 1.97 -0.76
C LEU A 13 1.24 2.58 -0.07
N PHE A 14 0.07 2.12 -0.40
CA PHE A 14 -1.14 2.65 0.26
C PHE A 14 -1.19 2.15 1.69
N LYS A 15 -0.86 0.91 1.90
CA LYS A 15 -0.86 0.36 3.28
C LYS A 15 0.15 1.12 4.12
N LYS A 16 1.24 1.54 3.53
CA LYS A 16 2.25 2.30 4.30
C LYS A 16 1.56 3.44 5.02
N LEU A 17 0.55 4.01 4.40
CA LEU A 17 -0.18 5.12 5.06
C LEU A 17 -0.57 4.73 6.48
N SER A 18 -1.44 3.76 6.62
CA SER A 18 -1.87 3.31 7.98
C SER A 18 -1.03 2.10 8.45
N PRO A 19 0.10 2.35 9.04
CA PRO A 19 0.96 1.25 9.54
C PRO A 19 0.32 0.54 10.74
N VAL A 20 -0.72 1.12 11.28
CA VAL A 20 -1.40 0.49 12.46
C VAL A 20 -2.37 1.48 13.11
N ILE A 21 -2.18 2.77 12.87
CA ILE A 21 -3.07 3.84 13.45
C ILE A 21 -2.50 4.35 14.79
N PRO A 22 -1.34 4.95 14.68
CA PRO A 22 -0.66 5.51 15.87
C PRO A 22 -1.39 6.76 16.39
N LEU A 23 -2.23 7.34 15.58
CA LEU A 23 -2.98 8.55 16.04
C LEU A 23 -3.98 8.16 17.15
N LEU A 24 -4.16 6.89 17.37
CA LEU A 24 -5.10 6.44 18.42
C LEU A 24 -4.69 7.03 19.77
N HIS A 25 -3.41 7.05 20.04
CA HIS A 25 -2.93 7.60 21.34
C HIS A 25 -2.68 9.10 21.22
N LEU A 26 -2.18 9.55 20.09
CA LEU A 26 -1.90 11.00 19.91
C LEU A 26 -3.19 11.81 20.04
N NH2 A 27 -3.42 12.45 21.15
HN1 NH2 A 27 -2.76 12.42 21.88
HN2 NH2 A 27 -4.24 12.98 21.25
N GLY A 1 5.86 -13.69 -15.12
CA GLY A 1 6.10 -12.23 -15.32
C GLY A 1 6.15 -11.53 -13.97
N ARG A 2 6.81 -10.41 -13.88
CA ARG A 2 6.89 -9.68 -12.59
C ARG A 2 5.76 -8.65 -12.49
N PHE A 3 4.78 -8.75 -13.35
CA PHE A 3 3.66 -7.77 -13.28
C PHE A 3 2.91 -7.93 -11.96
N LYS A 4 2.52 -9.13 -11.65
CA LYS A 4 1.80 -9.36 -10.37
C LYS A 4 2.65 -8.86 -9.20
N ARG A 5 3.94 -8.92 -9.34
CA ARG A 5 4.84 -8.46 -8.24
C ARG A 5 4.69 -6.96 -8.05
N PHE A 6 4.75 -6.21 -9.11
CA PHE A 6 4.62 -4.73 -8.98
C PHE A 6 3.28 -4.38 -8.35
N ARG A 7 2.27 -5.15 -8.63
CA ARG A 7 0.93 -4.87 -8.05
C ARG A 7 0.99 -4.97 -6.53
N LYS A 8 1.66 -5.97 -6.03
CA LYS A 8 1.75 -6.14 -4.55
C LYS A 8 2.41 -4.92 -3.92
N LYS A 9 3.44 -4.40 -4.55
CA LYS A 9 4.13 -3.22 -3.98
C LYS A 9 3.18 -2.03 -3.92
N PHE A 10 2.32 -1.89 -4.90
CA PHE A 10 1.36 -0.76 -4.90
C PHE A 10 0.48 -0.82 -3.65
N LYS A 11 0.14 -1.99 -3.20
CA LYS A 11 -0.71 -2.11 -1.99
C LYS A 11 -0.01 -1.47 -0.80
N LYS A 12 1.24 -1.77 -0.61
CA LYS A 12 1.99 -1.18 0.52
C LYS A 12 1.96 0.35 0.43
N LEU A 13 1.98 0.87 -0.77
CA LEU A 13 1.96 2.34 -0.94
C LEU A 13 0.68 2.92 -0.33
N PHE A 14 -0.39 2.18 -0.34
CA PHE A 14 -1.65 2.69 0.23
C PHE A 14 -1.52 2.87 1.73
N LYS A 15 -1.03 1.89 2.42
CA LYS A 15 -0.87 2.01 3.89
C LYS A 15 0.01 3.22 4.21
N LYS A 16 1.04 3.42 3.43
CA LYS A 16 1.92 4.58 3.67
C LYS A 16 1.08 5.86 3.74
N LEU A 17 -0.05 5.86 3.10
CA LEU A 17 -0.92 7.06 3.10
C LEU A 17 -1.31 7.46 4.53
N SER A 18 -1.82 6.53 5.30
CA SER A 18 -2.23 6.87 6.71
C SER A 18 -1.07 6.66 7.68
N PRO A 19 -0.58 7.76 8.19
CA PRO A 19 0.55 7.71 9.15
C PRO A 19 0.02 7.50 10.57
N VAL A 20 -0.34 8.55 11.24
CA VAL A 20 -0.87 8.43 12.62
C VAL A 20 -1.72 9.65 12.95
N ILE A 21 -2.28 10.27 11.96
CA ILE A 21 -3.12 11.48 12.20
C ILE A 21 -4.53 11.12 12.70
N PRO A 22 -5.03 9.95 12.33
CA PRO A 22 -6.39 9.56 12.77
C PRO A 22 -6.37 9.05 14.22
N LEU A 23 -5.22 8.98 14.82
CA LEU A 23 -5.14 8.48 16.23
C LEU A 23 -5.32 9.63 17.22
N LEU A 24 -5.06 10.84 16.78
CA LEU A 24 -5.20 12.01 17.70
C LEU A 24 -6.66 12.14 18.17
N HIS A 25 -7.59 11.82 17.32
CA HIS A 25 -9.03 11.93 17.72
C HIS A 25 -9.51 10.62 18.35
N LEU A 26 -9.17 9.51 17.77
CA LEU A 26 -9.61 8.19 18.34
C LEU A 26 -8.99 7.99 19.73
N NH2 A 27 -8.83 6.77 20.17
HN1 NH2 A 27 -9.12 6.01 19.63
HN2 NH2 A 27 -8.43 6.62 21.06
N GLY A 1 7.94 -13.40 -13.78
CA GLY A 1 7.25 -13.13 -12.50
C GLY A 1 7.87 -11.89 -11.84
N ARG A 2 7.86 -10.78 -12.51
CA ARG A 2 8.46 -9.55 -11.92
C ARG A 2 7.43 -8.40 -11.94
N PHE A 3 6.49 -8.45 -12.84
CA PHE A 3 5.47 -7.37 -12.91
C PHE A 3 4.37 -7.61 -11.88
N LYS A 4 4.08 -8.84 -11.58
CA LYS A 4 3.02 -9.14 -10.59
C LYS A 4 3.35 -8.50 -9.25
N ARG A 5 4.59 -8.49 -8.88
CA ARG A 5 4.99 -7.88 -7.59
C ARG A 5 4.54 -6.42 -7.52
N PHE A 6 4.59 -5.74 -8.63
CA PHE A 6 4.17 -4.32 -8.64
C PHE A 6 2.73 -4.18 -8.15
N ARG A 7 1.89 -5.12 -8.49
CA ARG A 7 0.49 -5.03 -8.04
C ARG A 7 0.44 -5.10 -6.52
N LYS A 8 1.04 -6.10 -5.96
CA LYS A 8 1.05 -6.23 -4.48
C LYS A 8 1.76 -5.02 -3.88
N LYS A 9 2.86 -4.64 -4.47
CA LYS A 9 3.62 -3.46 -3.97
C LYS A 9 2.72 -2.22 -4.00
N PHE A 10 1.75 -2.21 -4.88
CA PHE A 10 0.83 -1.05 -4.96
C PHE A 10 0.05 -0.90 -3.66
N LYS A 11 -0.50 -1.98 -3.17
CA LYS A 11 -1.27 -1.89 -1.90
C LYS A 11 -0.34 -1.42 -0.78
N LYS A 12 0.84 -1.95 -0.71
CA LYS A 12 1.80 -1.54 0.34
C LYS A 12 2.08 -0.04 0.22
N LEU A 13 2.19 0.46 -0.98
CA LEU A 13 2.47 1.89 -1.16
C LEU A 13 1.36 2.74 -0.55
N PHE A 14 0.14 2.28 -0.61
CA PHE A 14 -0.98 3.05 -0.02
C PHE A 14 -0.85 3.02 1.50
N LYS A 15 -0.33 1.96 2.04
CA LYS A 15 -0.17 1.86 3.50
C LYS A 15 0.84 2.89 3.98
N LYS A 16 1.98 2.94 3.34
CA LYS A 16 3.01 3.93 3.75
C LYS A 16 2.51 5.34 3.43
N LEU A 17 1.86 5.49 2.31
CA LEU A 17 1.34 6.82 1.91
C LEU A 17 -0.08 7.03 2.44
N SER A 18 -0.55 6.12 3.25
CA SER A 18 -1.94 6.24 3.79
C SER A 18 -2.03 7.31 4.89
N PRO A 19 -1.06 7.32 5.78
CA PRO A 19 -1.08 8.28 6.91
C PRO A 19 -0.77 9.71 6.45
N VAL A 20 -1.79 10.48 6.17
CA VAL A 20 -1.61 11.90 5.74
C VAL A 20 -0.26 12.13 5.05
N ILE A 21 -0.08 11.59 3.87
CA ILE A 21 1.20 11.78 3.14
C ILE A 21 0.97 12.67 1.91
N PRO A 22 2.03 13.07 1.26
CA PRO A 22 1.91 13.95 0.06
C PRO A 22 1.15 13.26 -1.07
N LEU A 23 1.33 11.98 -1.23
CA LEU A 23 0.59 11.27 -2.30
C LEU A 23 -0.89 11.72 -2.31
N LEU A 24 -1.41 12.02 -1.15
CA LEU A 24 -2.83 12.46 -1.06
C LEU A 24 -3.04 13.71 -1.91
N HIS A 25 -2.04 14.54 -2.03
CA HIS A 25 -2.19 15.78 -2.85
C HIS A 25 -2.48 15.43 -4.31
N LEU A 26 -2.00 14.31 -4.77
CA LEU A 26 -2.27 13.93 -6.19
C LEU A 26 -3.71 13.44 -6.35
N NH2 A 27 -4.37 13.75 -7.43
HN1 NH2 A 27 -3.94 14.29 -8.12
HN2 NH2 A 27 -5.29 13.44 -7.55
N GLY A 1 2.70 -15.31 -13.83
CA GLY A 1 2.60 -13.82 -13.82
C GLY A 1 3.49 -13.26 -12.71
N ARG A 2 4.60 -12.66 -13.05
CA ARG A 2 5.51 -12.09 -12.02
C ARG A 2 5.22 -10.61 -11.82
N PHE A 3 4.68 -9.96 -12.82
CA PHE A 3 4.38 -8.52 -12.70
C PHE A 3 3.44 -8.28 -11.51
N LYS A 4 2.77 -9.31 -11.06
CA LYS A 4 1.84 -9.13 -9.91
C LYS A 4 2.58 -8.42 -8.78
N ARG A 5 3.89 -8.50 -8.78
CA ARG A 5 4.68 -7.82 -7.73
C ARG A 5 4.33 -6.34 -7.70
N PHE A 6 4.06 -5.77 -8.85
CA PHE A 6 3.72 -4.33 -8.90
C PHE A 6 2.48 -4.09 -8.04
N ARG A 7 1.53 -4.96 -8.11
CA ARG A 7 0.30 -4.79 -7.29
C ARG A 7 0.68 -4.84 -5.81
N LYS A 8 1.44 -5.82 -5.44
CA LYS A 8 1.87 -5.91 -4.02
C LYS A 8 2.69 -4.68 -3.66
N LYS A 9 3.56 -4.27 -4.52
CA LYS A 9 4.39 -3.06 -4.24
C LYS A 9 3.48 -1.85 -4.11
N PHE A 10 2.55 -1.71 -5.03
CA PHE A 10 1.62 -0.55 -4.96
C PHE A 10 0.77 -0.66 -3.70
N LYS A 11 0.28 -1.85 -3.42
CA LYS A 11 -0.55 -2.03 -2.20
C LYS A 11 0.27 -1.68 -0.97
N LYS A 12 1.57 -1.76 -1.08
CA LYS A 12 2.44 -1.43 0.08
C LYS A 12 2.37 0.07 0.37
N LEU A 13 2.67 0.87 -0.61
CA LEU A 13 2.61 2.34 -0.39
C LEU A 13 1.16 2.76 -0.20
N PHE A 14 0.26 2.09 -0.88
CA PHE A 14 -1.17 2.44 -0.72
C PHE A 14 -1.63 2.06 0.68
N LYS A 15 -1.01 1.08 1.27
CA LYS A 15 -1.40 0.68 2.65
C LYS A 15 -1.23 1.86 3.60
N LYS A 16 -0.16 2.57 3.47
CA LYS A 16 0.06 3.74 4.36
C LYS A 16 -1.12 4.70 4.23
N LEU A 17 -1.57 4.92 3.03
CA LEU A 17 -2.72 5.82 2.81
C LEU A 17 -4.02 5.13 3.20
N SER A 18 -4.25 3.98 2.64
CA SER A 18 -5.51 3.23 2.96
C SER A 18 -5.74 3.20 4.48
N PRO A 19 -6.69 4.00 4.90
CA PRO A 19 -7.03 4.08 6.34
C PRO A 19 -7.90 2.88 6.75
N VAL A 20 -7.49 2.17 7.76
CA VAL A 20 -8.26 0.97 8.24
C VAL A 20 -8.92 0.23 7.07
N ILE A 21 -8.35 0.28 5.90
CA ILE A 21 -8.98 -0.41 4.73
C ILE A 21 -8.30 -1.76 4.43
N PRO A 22 -7.00 -1.84 4.59
CA PRO A 22 -6.28 -3.10 4.29
C PRO A 22 -6.46 -4.12 5.41
N LEU A 23 -7.00 -3.73 6.53
CA LEU A 23 -7.17 -4.69 7.66
C LEU A 23 -7.78 -6.01 7.15
N LEU A 24 -8.48 -5.96 6.05
CA LEU A 24 -9.10 -7.21 5.50
C LEU A 24 -8.04 -8.08 4.81
N HIS A 25 -6.99 -7.50 4.33
CA HIS A 25 -5.93 -8.31 3.64
C HIS A 25 -4.96 -8.89 4.67
N LEU A 26 -4.77 -8.22 5.77
CA LEU A 26 -3.83 -8.74 6.80
C LEU A 26 -4.50 -9.83 7.64
N NH2 A 27 -3.76 -10.68 8.29
HN1 NH2 A 27 -2.79 -10.62 8.25
HN2 NH2 A 27 -4.19 -11.40 8.82
N GLY A 1 4.32 -14.34 -16.59
CA GLY A 1 3.16 -13.51 -16.13
C GLY A 1 3.21 -13.36 -14.62
N ARG A 2 4.34 -12.93 -14.09
CA ARG A 2 4.45 -12.75 -12.62
C ARG A 2 4.57 -11.27 -12.28
N PHE A 3 4.34 -10.42 -13.23
CA PHE A 3 4.44 -8.95 -12.98
C PHE A 3 3.50 -8.55 -11.83
N LYS A 4 2.49 -9.33 -11.58
CA LYS A 4 1.54 -8.99 -10.49
C LYS A 4 2.33 -8.69 -9.21
N ARG A 5 3.53 -9.19 -9.12
CA ARG A 5 4.35 -8.93 -7.91
C ARG A 5 4.53 -7.42 -7.72
N PHE A 6 4.72 -6.72 -8.81
CA PHE A 6 4.89 -5.25 -8.71
C PHE A 6 3.64 -4.63 -8.10
N ARG A 7 2.49 -5.07 -8.53
CA ARG A 7 1.23 -4.53 -7.98
C ARG A 7 1.26 -4.65 -6.46
N LYS A 8 2.03 -5.56 -5.94
CA LYS A 8 2.12 -5.74 -4.47
C LYS A 8 2.59 -4.43 -3.83
N LYS A 9 3.62 -3.85 -4.38
CA LYS A 9 4.12 -2.57 -3.83
C LYS A 9 3.02 -1.51 -3.91
N PHE A 10 2.24 -1.55 -4.95
CA PHE A 10 1.13 -0.56 -5.08
C PHE A 10 0.26 -0.63 -3.84
N LYS A 11 -0.07 -1.82 -3.42
CA LYS A 11 -0.90 -1.98 -2.20
C LYS A 11 -0.16 -1.39 -1.01
N LYS A 12 1.10 -1.70 -0.90
CA LYS A 12 1.92 -1.16 0.22
C LYS A 12 1.88 0.37 0.18
N LEU A 13 1.91 0.94 -1.00
CA LEU A 13 1.85 2.42 -1.11
C LEU A 13 0.64 2.91 -0.30
N PHE A 14 -0.45 2.21 -0.40
CA PHE A 14 -1.66 2.61 0.36
C PHE A 14 -1.38 2.48 1.85
N LYS A 15 -0.89 1.34 2.26
CA LYS A 15 -0.57 1.14 3.69
C LYS A 15 0.46 2.17 4.15
N LYS A 16 1.36 2.52 3.28
CA LYS A 16 2.40 3.52 3.64
C LYS A 16 1.76 4.87 3.95
N LEU A 17 0.80 5.27 3.15
CA LEU A 17 0.13 6.57 3.39
C LEU A 17 -0.89 6.45 4.54
N SER A 18 -1.44 5.28 4.72
CA SER A 18 -2.43 5.09 5.83
C SER A 18 -1.97 5.80 7.09
N PRO A 19 -2.55 6.95 7.33
CA PRO A 19 -2.20 7.74 8.52
C PRO A 19 -3.03 7.27 9.72
N VAL A 20 -3.15 8.09 10.74
CA VAL A 20 -3.94 7.70 11.93
C VAL A 20 -5.44 7.80 11.62
N ILE A 21 -5.88 7.21 10.55
CA ILE A 21 -7.33 7.26 10.18
C ILE A 21 -7.93 8.62 10.54
N PRO A 22 -7.96 9.49 9.55
CA PRO A 22 -8.53 10.83 9.75
C PRO A 22 -10.05 10.71 9.89
N LEU A 23 -10.57 9.52 9.73
CA LEU A 23 -12.04 9.34 9.85
C LEU A 23 -12.43 9.30 11.33
N LEU A 24 -11.49 9.02 12.19
CA LEU A 24 -11.79 8.96 13.64
C LEU A 24 -12.40 10.29 14.10
N HIS A 25 -12.06 11.36 13.46
CA HIS A 25 -12.62 12.68 13.86
C HIS A 25 -13.96 12.90 13.15
N LEU A 26 -14.00 12.67 11.86
CA LEU A 26 -15.27 12.87 11.11
C LEU A 26 -16.25 11.73 11.43
N NH2 A 27 -17.42 11.73 10.84
HN1 NH2 A 27 -17.66 12.44 10.21
HN2 NH2 A 27 -18.06 11.01 11.02
#